data_6EAU
#
_entry.id   6EAU
#
_cell.length_a   59.817
_cell.length_b   61.569
_cell.length_c   66.964
_cell.angle_alpha   90.00
_cell.angle_beta   90.00
_cell.angle_gamma   90.00
#
_symmetry.space_group_name_H-M   'P 21 21 21'
#
loop_
_entity.id
_entity.type
_entity.pdbx_description
1 polymer 'Cationic trypsin'
2 polymer CYS-THR-LYS-SER-ILE-PRO-PRO-CYS
3 non-polymer 'SULFATE ION'
4 non-polymer 'CALCIUM ION'
5 water water
#
loop_
_entity_poly.entity_id
_entity_poly.type
_entity_poly.pdbx_seq_one_letter_code
_entity_poly.pdbx_strand_id
1 'polypeptide(L)'
;IVGGYTCGANTVPYQVSLNSGYHFCGGSLINSQWVVSAAHCYKSGIQVRLGEDNINVVEGNEQFISASKSIVHPSYNSNT
LNNDIMLIKLKSAASLNSRVASISLPTSCASAGTQCLISGWGNTKSSGTSYPDVLKCLKAPILSDSSCKSAYPGQITSNM
FCAGYLEGGKDSCQGDSGGPVVCSGKLQGIVSWGSGCAQKNKPGVYTKVCNYVSWIKQTIASN
;
A
2 'polypeptide(L)' CTKSIPPC I
#
loop_
_chem_comp.id
_chem_comp.type
_chem_comp.name
_chem_comp.formula
CA non-polymer 'CALCIUM ION' 'Ca 2'
SO4 non-polymer 'SULFATE ION' 'O4 S -2'
#
# COMPACT_ATOMS: atom_id res chain seq x y z
N ILE A 1 1.58 8.17 -6.79
CA ILE A 1 0.63 7.70 -7.80
C ILE A 1 0.84 8.53 -8.98
N VAL A 2 1.11 7.89 -10.10
CA VAL A 2 1.28 8.58 -11.35
C VAL A 2 0.01 8.37 -12.11
N GLY A 3 -0.48 9.44 -12.70
CA GLY A 3 -1.62 9.31 -13.56
C GLY A 3 -2.91 9.14 -12.83
N GLY A 4 -2.90 9.41 -11.55
CA GLY A 4 -4.06 9.27 -10.72
C GLY A 4 -4.74 10.59 -10.62
N TYR A 5 -5.48 10.71 -9.54
CA TYR A 5 -6.27 11.89 -9.34
C TYR A 5 -6.29 12.14 -7.86
N THR A 6 -6.58 13.34 -7.53
CA THR A 6 -6.69 13.67 -6.13
C THR A 6 -7.86 12.94 -5.57
N CYS A 7 -7.62 12.15 -4.57
CA CYS A 7 -8.70 11.32 -4.06
C CYS A 7 -9.81 12.16 -3.54
N GLY A 8 -9.48 13.23 -2.87
CA GLY A 8 -10.46 13.95 -2.10
C GLY A 8 -10.15 13.66 -0.67
N ALA A 9 -10.17 14.68 0.14
CA ALA A 9 -9.76 14.51 1.50
C ALA A 9 -10.56 13.44 2.19
N ASN A 10 -9.85 12.50 2.76
CA ASN A 10 -10.41 11.47 3.61
C ASN A 10 -11.35 10.57 2.88
N THR A 11 -11.27 10.54 1.57
CA THR A 11 -12.10 9.63 0.85
C THR A 11 -11.52 8.25 0.86
N VAL A 12 -10.31 8.09 1.35
CA VAL A 12 -9.70 6.79 1.43
C VAL A 12 -9.34 6.67 2.88
N PRO A 13 -10.30 6.45 3.74
CA PRO A 13 -10.07 6.71 5.14
C PRO A 13 -9.23 5.68 5.77
N TYR A 14 -8.96 4.60 5.08
CA TYR A 14 -8.07 3.58 5.56
C TYR A 14 -6.66 3.84 5.14
N GLN A 15 -6.40 4.83 4.33
CA GLN A 15 -5.07 5.08 3.90
C GLN A 15 -4.36 5.77 5.01
N VAL A 16 -3.22 5.27 5.34
CA VAL A 16 -2.37 5.94 6.28
C VAL A 16 -1.10 6.30 5.60
N SER A 17 -0.43 7.24 6.19
CA SER A 17 0.90 7.61 5.81
C SER A 17 1.80 7.14 6.91
N LEU A 18 2.85 6.49 6.54
CA LEU A 18 3.88 6.16 7.49
C LEU A 18 4.89 7.26 7.41
N ASN A 19 5.17 7.80 8.55
CA ASN A 19 5.93 9.01 8.60
C ASN A 19 7.08 8.80 9.54
N SER A 20 8.25 9.18 9.10
CA SER A 20 9.41 9.15 9.93
C SER A 20 10.06 10.49 9.85
N GLY A 21 9.27 11.51 10.08
CA GLY A 21 9.69 12.86 9.81
C GLY A 21 9.52 13.21 8.38
N TYR A 22 8.89 12.34 7.65
CA TYR A 22 8.51 12.55 6.28
C TYR A 22 7.69 11.34 5.94
N HIS A 23 6.84 11.51 4.96
CA HIS A 23 6.09 10.41 4.48
C HIS A 23 7.00 9.51 3.71
N PHE A 24 6.97 8.24 4.01
CA PHE A 24 7.83 7.33 3.29
C PHE A 24 7.11 6.15 2.75
N CYS A 25 5.94 5.86 3.23
CA CYS A 25 5.21 4.74 2.72
C CYS A 25 3.81 4.95 3.15
N GLY A 26 2.93 4.26 2.48
CA GLY A 26 1.57 4.21 2.88
C GLY A 26 1.31 3.00 3.70
N GLY A 27 0.09 2.85 4.08
CA GLY A 27 -0.37 1.71 4.78
C GLY A 27 -1.86 1.77 4.74
N SER A 28 -2.45 0.73 5.24
CA SER A 28 -3.87 0.62 5.25
C SER A 28 -4.28 0.23 6.63
N LEU A 29 -5.20 0.96 7.17
CA LEU A 29 -5.71 0.65 8.47
C LEU A 29 -6.66 -0.49 8.32
N ILE A 30 -6.43 -1.54 9.07
CA ILE A 30 -7.29 -2.69 8.97
C ILE A 30 -8.05 -2.92 10.22
N ASN A 31 -7.69 -2.28 11.30
CA ASN A 31 -8.58 -2.18 12.43
C ASN A 31 -8.04 -1.02 13.20
N SER A 32 -8.63 -0.74 14.33
CA SER A 32 -8.27 0.50 14.95
C SER A 32 -6.84 0.50 15.43
N GLN A 33 -6.21 -0.64 15.52
CA GLN A 33 -4.88 -0.72 16.09
CA GLN A 33 -4.86 -0.59 16.04
C GLN A 33 -3.85 -1.19 15.10
N TRP A 34 -4.24 -1.54 13.90
CA TRP A 34 -3.32 -2.23 13.04
C TRP A 34 -3.39 -1.71 11.64
N VAL A 35 -2.23 -1.59 11.06
CA VAL A 35 -2.06 -1.11 9.73
C VAL A 35 -1.32 -2.18 8.99
N VAL A 36 -1.68 -2.35 7.77
CA VAL A 36 -0.97 -3.22 6.87
C VAL A 36 -0.15 -2.34 5.99
N SER A 37 1.09 -2.67 5.81
CA SER A 37 1.91 -1.97 4.90
C SER A 37 2.83 -2.98 4.29
N ALA A 38 3.85 -2.49 3.64
CA ALA A 38 4.80 -3.34 2.98
C ALA A 38 5.95 -3.59 3.89
N ALA A 39 6.44 -4.81 3.86
CA ALA A 39 7.59 -5.11 4.66
C ALA A 39 8.74 -4.20 4.33
N HIS A 40 8.89 -3.83 3.08
CA HIS A 40 10.03 -3.02 2.75
C HIS A 40 9.89 -1.64 3.30
N CYS A 41 8.76 -1.30 3.84
CA CYS A 41 8.62 -0.02 4.48
C CYS A 41 9.09 -0.08 5.91
N TYR A 42 9.47 -1.22 6.41
CA TYR A 42 9.83 -1.32 7.79
C TYR A 42 10.97 -0.39 8.08
N LYS A 43 10.84 0.28 9.21
CA LYS A 43 11.96 0.99 9.78
C LYS A 43 11.50 1.26 11.17
N SER A 44 12.44 1.70 11.96
CA SER A 44 12.11 2.22 13.25
CA SER A 44 12.14 2.24 13.25
C SER A 44 11.52 3.61 13.10
N GLY A 45 10.89 4.07 14.16
CA GLY A 45 10.46 5.43 14.20
C GLY A 45 9.28 5.70 13.32
N ILE A 46 8.44 4.72 13.12
CA ILE A 46 7.29 4.97 12.28
C ILE A 46 6.22 5.62 13.10
N GLN A 47 5.74 6.70 12.57
CA GLN A 47 4.55 7.31 13.06
C GLN A 47 3.50 7.10 12.00
N VAL A 48 2.42 6.53 12.39
CA VAL A 48 1.33 6.34 11.47
C VAL A 48 0.49 7.56 11.50
N ARG A 49 0.20 8.07 10.34
CA ARG A 49 -0.59 9.26 10.25
C ARG A 49 -1.86 8.87 9.54
N LEU A 50 -2.89 8.90 10.29
CA LEU A 50 -4.20 8.53 9.83
C LEU A 50 -4.97 9.78 9.58
N GLY A 51 -6.00 9.66 8.79
CA GLY A 51 -6.86 10.78 8.55
C GLY A 51 -6.23 11.83 7.69
N GLU A 52 -5.15 11.52 7.02
CA GLU A 52 -4.42 12.51 6.28
C GLU A 52 -5.03 12.76 4.95
N ASP A 53 -4.92 14.00 4.52
CA ASP A 53 -5.08 14.29 3.13
C ASP A 53 -3.83 15.00 2.71
N ASN A 54 -3.72 16.27 3.02
CA ASN A 54 -2.47 16.95 2.78
C ASN A 54 -1.52 16.51 3.85
N ILE A 55 -0.51 15.76 3.46
CA ILE A 55 0.39 15.25 4.48
C ILE A 55 1.37 16.29 4.93
N ASN A 56 1.36 17.46 4.35
CA ASN A 56 2.27 18.48 4.76
C ASN A 56 1.59 19.57 5.52
N VAL A 57 0.30 19.46 5.75
CA VAL A 57 -0.42 20.48 6.46
C VAL A 57 -1.31 19.77 7.44
N VAL A 58 -1.41 20.31 8.63
CA VAL A 58 -2.34 19.80 9.60
C VAL A 58 -3.67 20.41 9.23
N GLU A 59 -4.57 19.63 8.74
CA GLU A 59 -5.81 20.10 8.24
C GLU A 59 -6.95 19.79 9.16
N GLY A 60 -6.71 18.94 10.13
CA GLY A 60 -7.80 18.41 10.88
C GLY A 60 -8.00 17.01 10.45
N ASN A 61 -8.47 16.20 11.36
CA ASN A 61 -8.80 14.81 11.13
C ASN A 61 -7.61 13.94 11.21
N GLU A 62 -6.40 14.47 11.25
CA GLU A 62 -5.26 13.63 11.40
C GLU A 62 -5.26 12.98 12.75
N GLN A 63 -4.75 11.78 12.78
CA GLN A 63 -4.31 11.17 14.00
C GLN A 63 -2.93 10.68 13.72
N PHE A 64 -2.01 11.10 14.52
CA PHE A 64 -0.66 10.62 14.41
C PHE A 64 -0.49 9.68 15.55
N ILE A 65 -0.14 8.47 15.25
CA ILE A 65 0.00 7.48 16.28
C ILE A 65 1.23 6.71 15.99
N SER A 66 2.09 6.63 16.96
CA SER A 66 3.31 5.90 16.74
C SER A 66 3.02 4.44 16.54
N ALA A 67 3.83 3.85 15.71
CA ALA A 67 3.82 2.41 15.62
C ALA A 67 4.40 1.88 16.91
N SER A 68 3.72 0.94 17.51
CA SER A 68 4.30 0.26 18.63
C SER A 68 4.88 -1.08 18.24
N LYS A 69 4.40 -1.66 17.18
CA LYS A 69 4.96 -2.89 16.67
C LYS A 69 4.99 -2.73 15.19
N SER A 70 6.06 -3.17 14.59
CA SER A 70 6.14 -3.19 13.15
C SER A 70 6.61 -4.58 12.83
N ILE A 71 5.74 -5.35 12.27
CA ILE A 71 5.93 -6.76 12.13
C ILE A 71 6.04 -7.05 10.67
N VAL A 72 7.24 -7.22 10.23
CA VAL A 72 7.50 -7.62 8.88
C VAL A 72 7.22 -9.08 8.76
N HIS A 73 6.69 -9.49 7.67
CA HIS A 73 6.44 -10.87 7.50
C HIS A 73 7.71 -11.63 7.71
N PRO A 74 7.69 -12.68 8.49
CA PRO A 74 8.92 -13.40 8.75
C PRO A 74 9.59 -13.92 7.53
N SER A 75 8.85 -14.11 6.46
CA SER A 75 9.44 -14.65 5.26
C SER A 75 9.61 -13.59 4.21
N TYR A 76 9.51 -12.35 4.61
CA TYR A 76 9.80 -11.31 3.66
C TYR A 76 11.21 -11.46 3.17
N ASN A 77 11.36 -11.38 1.88
CA ASN A 77 12.64 -11.45 1.24
C ASN A 77 12.85 -10.12 0.58
N SER A 78 13.80 -9.35 1.07
CA SER A 78 13.94 -8.02 0.54
C SER A 78 14.56 -7.99 -0.84
N ASN A 79 15.06 -9.10 -1.32
CA ASN A 79 15.57 -9.11 -2.66
CA ASN A 79 15.57 -9.11 -2.66
C ASN A 79 14.47 -9.42 -3.65
N THR A 80 13.70 -10.45 -3.37
CA THR A 80 12.61 -10.81 -4.26
C THR A 80 11.36 -10.05 -3.97
N LEU A 81 11.27 -9.46 -2.79
CA LEU A 81 10.10 -8.78 -2.30
C LEU A 81 8.96 -9.73 -2.08
N ASN A 82 9.23 -11.01 -2.04
CA ASN A 82 8.18 -11.90 -1.66
C ASN A 82 7.81 -11.68 -0.21
N ASN A 83 6.54 -11.81 0.07
CA ASN A 83 6.01 -11.60 1.38
C ASN A 83 6.23 -10.19 1.83
N ASP A 84 5.98 -9.26 0.93
CA ASP A 84 6.23 -7.87 1.22
C ASP A 84 5.02 -7.32 1.95
N ILE A 85 4.92 -7.67 3.20
CA ILE A 85 3.82 -7.24 4.00
C ILE A 85 4.31 -7.07 5.39
N MET A 86 3.80 -6.06 6.01
CA MET A 86 4.16 -5.76 7.36
C MET A 86 2.91 -5.33 8.04
N LEU A 87 2.80 -5.66 9.26
CA LEU A 87 1.74 -5.18 10.10
C LEU A 87 2.33 -4.22 11.07
N ILE A 88 1.66 -3.13 11.23
CA ILE A 88 2.06 -2.15 12.21
C ILE A 88 0.97 -2.09 13.22
N LYS A 89 1.32 -2.22 14.45
CA LYS A 89 0.39 -2.01 15.52
C LYS A 89 0.61 -0.59 15.96
N LEU A 90 -0.50 0.09 16.14
CA LEU A 90 -0.45 1.44 16.62
C LEU A 90 -0.32 1.40 18.11
N LYS A 91 0.43 2.36 18.61
CA LYS A 91 0.64 2.43 20.03
C LYS A 91 -0.66 2.56 20.78
N SER A 92 -1.60 3.25 20.19
CA SER A 92 -2.94 3.34 20.74
CA SER A 92 -2.94 3.36 20.74
C SER A 92 -3.88 3.18 19.59
N ALA A 93 -5.07 2.71 19.88
CA ALA A 93 -6.02 2.53 18.83
C ALA A 93 -6.37 3.88 18.24
N ALA A 94 -6.44 3.92 16.94
CA ALA A 94 -6.96 5.08 16.29
C ALA A 94 -8.40 5.23 16.65
N SER A 95 -8.82 6.47 16.67
CA SER A 95 -10.21 6.81 16.83
CA SER A 95 -10.21 6.77 16.82
C SER A 95 -10.83 6.66 15.45
N LEU A 96 -11.68 5.69 15.29
CA LEU A 96 -12.24 5.47 13.98
C LEU A 96 -13.40 6.39 13.80
N ASN A 97 -13.49 6.93 12.62
CA ASN A 97 -14.53 7.86 12.31
C ASN A 97 -14.66 7.82 10.81
N SER A 98 -15.45 8.70 10.24
CA SER A 98 -15.65 8.57 8.81
C SER A 98 -14.37 8.81 8.04
N ARG A 99 -13.42 9.50 8.65
CA ARG A 99 -12.20 9.86 7.96
C ARG A 99 -11.07 8.96 8.33
N VAL A 100 -11.26 8.08 9.29
CA VAL A 100 -10.24 7.17 9.70
C VAL A 100 -10.98 5.89 9.90
N ALA A 101 -10.81 4.99 8.99
CA ALA A 101 -11.66 3.82 8.97
C ALA A 101 -10.83 2.68 8.49
N SER A 102 -11.15 1.52 8.97
CA SER A 102 -10.41 0.38 8.53
C SER A 102 -10.96 -0.08 7.21
N ILE A 103 -10.14 -0.81 6.52
CA ILE A 103 -10.55 -1.46 5.31
C ILE A 103 -10.55 -2.93 5.57
N SER A 104 -11.51 -3.60 5.02
CA SER A 104 -11.64 -5.01 5.23
C SER A 104 -10.56 -5.74 4.50
N LEU A 105 -10.16 -6.84 5.10
CA LEU A 105 -9.29 -7.74 4.42
C LEU A 105 -10.10 -8.61 3.48
N PRO A 106 -9.46 -9.14 2.47
CA PRO A 106 -10.15 -10.01 1.54
C PRO A 106 -10.64 -11.22 2.28
N THR A 107 -11.73 -11.75 1.80
CA THR A 107 -12.15 -13.08 2.15
C THR A 107 -11.72 -14.06 1.10
N SER A 108 -11.39 -13.56 -0.08
CA SER A 108 -10.83 -14.37 -1.14
C SER A 108 -10.04 -13.42 -2.03
N CYS A 109 -9.21 -14.02 -2.84
CA CYS A 109 -8.38 -13.25 -3.72
C CYS A 109 -9.23 -12.63 -4.78
N ALA A 110 -8.69 -11.59 -5.38
CA ALA A 110 -9.40 -10.90 -6.43
C ALA A 110 -8.99 -11.48 -7.76
N SER A 111 -9.88 -11.30 -8.70
CA SER A 111 -9.68 -11.84 -10.02
CA SER A 111 -9.69 -11.85 -10.03
C SER A 111 -9.06 -10.80 -10.92
N ALA A 112 -8.39 -11.29 -11.96
CA ALA A 112 -7.86 -10.39 -12.95
C ALA A 112 -8.97 -9.49 -13.44
N GLY A 113 -8.63 -8.26 -13.66
CA GLY A 113 -9.54 -7.30 -14.18
C GLY A 113 -10.37 -6.63 -13.16
N THR A 114 -10.34 -7.09 -11.93
CA THR A 114 -11.02 -6.36 -10.89
C THR A 114 -10.39 -5.01 -10.77
N GLN A 115 -11.21 -4.00 -10.67
CA GLN A 115 -10.76 -2.65 -10.55
C GLN A 115 -10.54 -2.38 -9.10
N CYS A 116 -9.45 -1.75 -8.86
CA CYS A 116 -9.07 -1.45 -7.52
C CYS A 116 -8.69 -0.01 -7.44
N LEU A 117 -8.68 0.45 -6.23
CA LEU A 117 -8.26 1.79 -5.95
C LEU A 117 -6.95 1.72 -5.26
N ILE A 118 -5.99 2.34 -5.84
CA ILE A 118 -4.66 2.39 -5.30
C ILE A 118 -4.43 3.83 -4.93
N SER A 119 -3.88 4.06 -3.78
CA SER A 119 -3.77 5.42 -3.36
C SER A 119 -2.48 5.60 -2.64
N GLY A 120 -2.08 6.85 -2.57
CA GLY A 120 -0.90 7.15 -1.82
C GLY A 120 -0.41 8.52 -2.12
N TRP A 121 0.63 8.84 -1.42
CA TRP A 121 1.26 10.12 -1.54
C TRP A 121 2.57 9.99 -2.25
N GLY A 122 2.71 8.94 -3.01
CA GLY A 122 3.92 8.74 -3.74
C GLY A 122 4.07 9.70 -4.87
N ASN A 123 5.24 9.60 -5.45
CA ASN A 123 5.59 10.40 -6.59
C ASN A 123 4.48 10.33 -7.62
N THR A 124 4.19 11.47 -8.19
CA THR A 124 3.17 11.53 -9.22
C THR A 124 3.77 11.63 -10.59
N LYS A 125 5.07 11.58 -10.71
CA LYS A 125 5.70 11.65 -12.01
C LYS A 125 6.34 10.30 -12.33
N SER A 126 6.20 9.89 -13.58
CA SER A 126 6.85 8.68 -14.06
C SER A 126 8.31 8.94 -14.40
N SER A 127 8.68 10.20 -14.56
CA SER A 127 10.07 10.59 -14.75
C SER A 127 10.31 11.79 -13.85
N GLY A 128 11.38 11.73 -13.08
CA GLY A 128 11.58 12.72 -12.06
C GLY A 128 10.64 12.44 -10.90
N THR A 129 10.53 13.42 -10.02
CA THR A 129 9.76 13.23 -8.81
C THR A 129 8.94 14.47 -8.52
N SER A 130 7.73 14.22 -8.08
CA SER A 130 6.90 15.27 -7.54
C SER A 130 6.10 14.56 -6.49
N TYR A 131 6.27 14.96 -5.26
CA TYR A 131 5.56 14.34 -4.20
C TYR A 131 4.38 15.21 -3.88
N PRO A 132 3.19 14.68 -3.91
CA PRO A 132 2.01 15.51 -3.77
C PRO A 132 1.80 15.81 -2.32
N ASP A 133 1.05 16.86 -2.11
CA ASP A 133 0.59 17.12 -0.77
C ASP A 133 -0.55 16.21 -0.42
N VAL A 134 -1.48 16.07 -1.33
CA VAL A 134 -2.70 15.40 -1.00
C VAL A 134 -2.69 14.00 -1.56
N LEU A 135 -3.58 13.22 -1.03
CA LEU A 135 -3.60 11.83 -1.37
C LEU A 135 -4.07 11.68 -2.79
N LYS A 136 -3.39 10.83 -3.50
CA LYS A 136 -3.74 10.56 -4.87
C LYS A 136 -4.26 9.16 -4.96
N CYS A 137 -5.08 8.99 -5.96
CA CYS A 137 -5.85 7.80 -6.15
C CYS A 137 -5.67 7.37 -7.58
N LEU A 138 -5.76 6.09 -7.78
CA LEU A 138 -5.67 5.55 -9.11
C LEU A 138 -6.57 4.36 -9.11
N LYS A 139 -7.46 4.32 -10.05
CA LYS A 139 -8.21 3.12 -10.28
C LYS A 139 -7.42 2.27 -11.23
N ALA A 140 -7.23 1.04 -10.86
CA ALA A 140 -6.36 0.25 -11.64
C ALA A 140 -6.87 -1.15 -11.55
N PRO A 141 -6.78 -1.89 -12.64
CA PRO A 141 -7.23 -3.25 -12.61
C PRO A 141 -6.11 -4.18 -12.25
N ILE A 142 -6.51 -5.26 -11.63
CA ILE A 142 -5.60 -6.36 -11.41
C ILE A 142 -5.34 -7.01 -12.75
N LEU A 143 -4.10 -7.25 -13.05
CA LEU A 143 -3.76 -7.89 -14.29
C LEU A 143 -3.75 -9.37 -14.11
N SER A 144 -3.83 -10.05 -15.21
CA SER A 144 -3.75 -11.48 -15.15
C SER A 144 -2.37 -11.89 -14.71
N ASP A 145 -2.31 -13.08 -14.11
CA ASP A 145 -1.02 -13.58 -13.69
C ASP A 145 -0.11 -13.70 -14.90
N SER A 146 -0.65 -14.14 -16.03
CA SER A 146 0.21 -14.30 -17.18
C SER A 146 0.77 -12.97 -17.62
N SER A 147 -0.04 -11.92 -17.62
CA SER A 147 0.50 -10.64 -18.03
CA SER A 147 0.48 -10.63 -18.01
C SER A 147 1.49 -10.14 -17.01
N CYS A 148 1.20 -10.36 -15.75
CA CYS A 148 2.10 -9.94 -14.72
C CYS A 148 3.43 -10.66 -14.86
N LYS A 149 3.38 -11.96 -15.07
CA LYS A 149 4.60 -12.72 -15.20
C LYS A 149 5.30 -12.39 -16.48
N SER A 150 4.57 -12.06 -17.53
CA SER A 150 5.22 -11.61 -18.74
C SER A 150 5.93 -10.30 -18.53
N ALA A 151 5.32 -9.40 -17.79
CA ALA A 151 5.94 -8.12 -17.54
C ALA A 151 7.17 -8.28 -16.67
N TYR A 152 7.14 -9.23 -15.75
CA TYR A 152 8.19 -9.37 -14.75
C TYR A 152 8.57 -10.82 -14.63
N PRO A 153 9.16 -11.37 -15.66
CA PRO A 153 9.43 -12.80 -15.67
C PRO A 153 10.34 -13.16 -14.52
N GLY A 154 10.01 -14.28 -13.88
CA GLY A 154 10.78 -14.79 -12.79
C GLY A 154 10.69 -13.96 -11.53
N GLN A 155 9.93 -12.87 -11.53
CA GLN A 155 9.89 -11.99 -10.38
C GLN A 155 8.59 -12.03 -9.65
N ILE A 156 7.55 -12.58 -10.23
CA ILE A 156 6.24 -12.52 -9.63
C ILE A 156 6.02 -13.79 -8.87
N THR A 157 5.89 -13.69 -7.58
CA THR A 157 5.60 -14.85 -6.81
C THR A 157 4.11 -14.95 -6.65
N SER A 158 3.68 -16.04 -6.04
CA SER A 158 2.27 -16.22 -5.79
C SER A 158 1.76 -15.18 -4.86
N ASN A 159 2.63 -14.43 -4.20
CA ASN A 159 2.20 -13.44 -3.25
C ASN A 159 2.22 -12.07 -3.85
N MET A 160 2.22 -11.97 -5.15
CA MET A 160 2.26 -10.72 -5.82
C MET A 160 1.22 -10.74 -6.90
N PHE A 161 0.74 -9.59 -7.21
CA PHE A 161 -0.02 -9.45 -8.41
C PHE A 161 0.34 -8.13 -9.01
N CYS A 162 0.06 -8.02 -10.26
CA CYS A 162 0.25 -6.79 -10.96
C CYS A 162 -1.07 -6.11 -11.05
N ALA A 163 -1.02 -4.81 -11.04
CA ALA A 163 -2.22 -4.08 -11.28
C ALA A 163 -1.77 -2.83 -11.95
N GLY A 164 -2.67 -2.30 -12.77
CA GLY A 164 -2.40 -1.08 -13.45
C GLY A 164 -2.54 -1.24 -14.92
N TYR A 165 -1.65 -0.62 -15.66
N TYR A 165 -1.61 -0.70 -15.63
CA TYR A 165 -1.91 -0.19 -17.03
CA TYR A 165 -1.73 -0.55 -17.03
C TYR A 165 -0.67 -0.38 -17.85
C TYR A 165 -0.44 -1.00 -17.63
N LEU A 166 -0.71 -1.34 -18.74
N LEU A 166 -0.54 -1.46 -18.85
CA LEU A 166 0.49 -1.63 -19.47
CA LEU A 166 0.63 -1.71 -19.66
C LEU A 166 0.85 -0.54 -20.46
C LEU A 166 0.88 -0.57 -20.62
N GLU A 167 -0.08 0.33 -20.78
CA GLU A 167 0.15 1.38 -21.74
C GLU A 167 0.95 2.50 -21.15
N GLY A 168 1.28 2.40 -19.85
CA GLY A 168 2.02 3.43 -19.20
C GLY A 168 1.12 4.53 -18.71
N GLY A 169 1.67 5.32 -17.81
CA GLY A 169 1.06 6.56 -17.41
C GLY A 169 0.28 6.48 -16.14
N LYS A 170 0.02 5.30 -15.61
CA LYS A 170 -0.83 5.16 -14.46
C LYS A 170 -0.27 4.10 -13.57
N ASP A 171 0.16 4.47 -12.41
CA ASP A 171 0.78 3.47 -11.58
C ASP A 171 0.95 4.06 -10.20
N SER A 172 1.22 3.20 -9.27
CA SER A 172 1.77 3.65 -8.02
C SER A 172 3.24 3.88 -8.20
N CYS A 173 3.81 4.64 -7.29
CA CYS A 173 5.17 5.06 -7.47
C CYS A 173 5.79 5.26 -6.11
N GLN A 174 7.00 5.73 -6.11
CA GLN A 174 7.73 5.76 -4.87
C GLN A 174 7.01 6.65 -3.90
N GLY A 175 6.84 6.11 -2.73
CA GLY A 175 6.08 6.76 -1.71
C GLY A 175 4.73 6.17 -1.57
N ASP A 176 4.32 5.40 -2.52
CA ASP A 176 3.07 4.70 -2.39
C ASP A 176 3.20 3.38 -1.73
N SER A 177 4.41 2.86 -1.67
CA SER A 177 4.61 1.55 -1.10
C SER A 177 3.90 1.40 0.20
N GLY A 178 3.39 0.23 0.40
CA GLY A 178 2.75 -0.07 1.61
C GLY A 178 1.31 0.27 1.61
N GLY A 179 0.90 1.11 0.68
CA GLY A 179 -0.44 1.56 0.67
C GLY A 179 -1.34 0.58 0.02
N PRO A 180 -2.58 0.93 0.00
CA PRO A 180 -3.63 0.00 -0.34
C PRO A 180 -3.87 -0.12 -1.81
N VAL A 181 -4.27 -1.31 -2.13
CA VAL A 181 -4.96 -1.61 -3.34
C VAL A 181 -6.24 -2.21 -2.88
N VAL A 182 -7.30 -1.49 -3.04
CA VAL A 182 -8.57 -1.92 -2.51
C VAL A 182 -9.46 -2.21 -3.66
N CYS A 183 -10.05 -3.36 -3.62
CA CYS A 183 -10.84 -3.81 -4.72
C CYS A 183 -12.11 -4.31 -4.11
N SER A 184 -13.20 -3.77 -4.54
CA SER A 184 -14.48 -4.23 -4.08
C SER A 184 -14.50 -4.18 -2.56
N GLY A 185 -13.93 -3.11 -2.02
CA GLY A 185 -13.97 -2.88 -0.60
C GLY A 185 -13.04 -3.75 0.20
N LYS A 186 -12.15 -4.46 -0.45
CA LYS A 186 -11.23 -5.32 0.26
C LYS A 186 -9.84 -4.88 -0.05
N LEU A 187 -9.00 -4.96 0.94
CA LEU A 187 -7.61 -4.66 0.73
C LEU A 187 -6.97 -5.87 0.09
N GLN A 188 -6.84 -5.82 -1.19
CA GLN A 188 -6.29 -6.95 -1.88
C GLN A 188 -4.82 -6.76 -2.13
N GLY A 189 -4.31 -5.57 -2.10
CA GLY A 189 -2.94 -5.39 -2.45
C GLY A 189 -2.29 -4.39 -1.55
N ILE A 190 -1.01 -4.51 -1.54
CA ILE A 190 -0.15 -3.55 -0.92
C ILE A 190 0.80 -3.10 -1.98
N VAL A 191 0.94 -1.80 -2.12
CA VAL A 191 1.88 -1.30 -3.08
C VAL A 191 3.24 -1.81 -2.72
N SER A 192 3.89 -2.43 -3.67
CA SER A 192 5.13 -3.09 -3.35
C SER A 192 6.22 -2.61 -4.26
N TRP A 193 6.15 -2.91 -5.54
CA TRP A 193 7.31 -2.60 -6.34
C TRP A 193 6.89 -2.54 -7.78
N GLY A 194 7.81 -2.14 -8.61
CA GLY A 194 7.58 -2.25 -10.02
C GLY A 194 8.83 -1.74 -10.67
N SER A 195 8.90 -1.91 -11.96
CA SER A 195 10.03 -1.38 -12.68
C SER A 195 9.70 0.05 -13.01
N GLY A 196 10.29 0.97 -12.27
CA GLY A 196 9.90 2.32 -12.48
C GLY A 196 8.46 2.48 -12.06
N CYS A 197 7.89 3.53 -12.60
CA CYS A 197 6.50 3.82 -12.33
C CYS A 197 5.88 4.24 -13.63
N ALA A 198 4.73 3.66 -13.89
CA ALA A 198 3.88 4.09 -14.98
C ALA A 198 4.59 3.90 -16.30
N GLN A 199 5.54 3.00 -16.33
CA GLN A 199 6.25 2.69 -17.54
C GLN A 199 5.45 1.70 -18.34
N LYS A 200 5.53 1.86 -19.64
CA LYS A 200 4.87 0.91 -20.50
C LYS A 200 5.32 -0.49 -20.15
N ASN A 201 4.35 -1.39 -20.06
CA ASN A 201 4.57 -2.81 -19.93
C ASN A 201 5.17 -3.19 -18.61
N LYS A 202 5.18 -2.25 -17.67
CA LYS A 202 5.79 -2.46 -16.37
C LYS A 202 4.76 -2.02 -15.36
N PRO A 203 3.75 -2.84 -15.13
CA PRO A 203 2.70 -2.46 -14.22
C PRO A 203 3.21 -2.54 -12.81
N GLY A 204 2.49 -1.95 -11.91
CA GLY A 204 2.83 -2.06 -10.53
C GLY A 204 2.65 -3.48 -10.06
N VAL A 205 3.46 -3.85 -9.10
CA VAL A 205 3.37 -5.13 -8.45
C VAL A 205 3.00 -4.88 -7.02
N TYR A 206 2.13 -5.73 -6.53
CA TYR A 206 1.48 -5.52 -5.28
C TYR A 206 1.50 -6.79 -4.51
N THR A 207 1.65 -6.67 -3.23
CA THR A 207 1.55 -7.84 -2.40
C THR A 207 0.15 -8.30 -2.38
N LYS A 208 -0.01 -9.57 -2.52
CA LYS A 208 -1.32 -10.18 -2.68
C LYS A 208 -1.83 -10.49 -1.30
N VAL A 209 -2.58 -9.55 -0.78
CA VAL A 209 -2.98 -9.60 0.61
C VAL A 209 -3.82 -10.80 0.91
N CYS A 210 -4.59 -11.25 -0.05
CA CYS A 210 -5.46 -12.36 0.28
C CYS A 210 -4.68 -13.58 0.70
N ASN A 211 -3.41 -13.66 0.32
CA ASN A 211 -2.58 -14.77 0.75
C ASN A 211 -2.18 -14.63 2.19
N TYR A 212 -2.42 -13.49 2.78
CA TYR A 212 -1.91 -13.23 4.10
C TYR A 212 -2.98 -13.02 5.12
N VAL A 213 -4.23 -13.21 4.77
CA VAL A 213 -5.26 -12.84 5.70
C VAL A 213 -5.13 -13.62 6.98
N SER A 214 -4.90 -14.92 6.86
CA SER A 214 -4.76 -15.69 8.08
CA SER A 214 -4.75 -15.71 8.07
C SER A 214 -3.54 -15.26 8.85
N TRP A 215 -2.45 -15.01 8.15
CA TRP A 215 -1.25 -14.55 8.81
C TRP A 215 -1.53 -13.24 9.50
N ILE A 216 -2.24 -12.35 8.83
CA ILE A 216 -2.56 -11.09 9.47
C ILE A 216 -3.38 -11.34 10.69
N LYS A 217 -4.43 -12.12 10.56
CA LYS A 217 -5.31 -12.31 11.69
C LYS A 217 -4.56 -12.95 12.82
N GLN A 218 -3.75 -13.97 12.49
N GLN A 218 -3.78 -13.99 12.53
CA GLN A 218 -3.02 -14.70 13.50
CA GLN A 218 -3.06 -14.64 13.61
C GLN A 218 -2.00 -13.79 14.17
C GLN A 218 -2.07 -13.68 14.23
N THR A 219 -1.39 -12.91 13.38
CA THR A 219 -0.39 -12.02 13.93
C THR A 219 -1.04 -10.97 14.79
N ILE A 220 -2.12 -10.43 14.32
CA ILE A 220 -2.82 -9.47 15.14
C ILE A 220 -3.28 -10.12 16.42
N ALA A 221 -3.86 -11.31 16.30
CA ALA A 221 -4.45 -11.94 17.46
C ALA A 221 -3.41 -12.21 18.51
N SER A 222 -2.16 -12.40 18.10
CA SER A 222 -1.12 -12.76 19.03
C SER A 222 -0.31 -11.57 19.43
N ASN A 223 -0.66 -10.38 18.99
CA ASN A 223 0.09 -9.21 19.36
C ASN A 223 -0.82 -8.15 19.89
N CYS B 1 12.08 -1.63 -8.60
CA CYS B 1 12.35 -0.91 -7.34
C CYS B 1 11.12 -0.94 -6.50
N THR B 2 11.32 -1.04 -5.19
CA THR B 2 10.21 -0.84 -4.30
C THR B 2 9.76 0.60 -4.40
N LYS B 3 8.52 0.80 -3.99
CA LYS B 3 7.89 2.09 -4.12
C LYS B 3 7.86 2.85 -2.83
N SER B 4 8.90 2.68 -2.04
CA SER B 4 9.04 3.46 -0.85
C SER B 4 9.84 4.69 -1.15
N ILE B 5 9.86 5.57 -0.18
CA ILE B 5 10.78 6.68 -0.20
C ILE B 5 11.85 6.34 0.81
N PRO B 6 13.08 6.05 0.35
CA PRO B 6 13.50 5.96 -1.03
C PRO B 6 13.21 4.58 -1.57
N PRO B 7 13.24 4.44 -2.88
CA PRO B 7 13.08 3.10 -3.46
C PRO B 7 14.27 2.24 -3.15
N CYS B 8 14.02 0.93 -3.11
CA CYS B 8 15.07 -0.01 -2.83
C CYS B 8 15.01 -1.15 -3.85
S SO4 C . -1.13 18.27 -4.65
O1 SO4 C . -1.01 17.22 -3.67
O2 SO4 C . -1.73 17.73 -5.88
O3 SO4 C . -1.95 19.36 -4.13
O4 SO4 C . 0.21 18.75 -4.93
S SO4 D . -5.38 -14.83 -13.54
O1 SO4 D . -6.76 -14.49 -13.15
O2 SO4 D . -5.18 -14.56 -14.96
O3 SO4 D . -4.46 -14.00 -12.79
O4 SO4 D . -5.14 -16.25 -13.25
S SO4 E . 7.49 -17.15 -14.31
O1 SO4 E . 6.41 -17.55 -15.22
O2 SO4 E . 8.32 -18.30 -13.98
O3 SO4 E . 6.91 -16.60 -13.09
O4 SO4 E . 8.36 -16.15 -14.95
S SO4 F . 11.41 -15.85 -2.03
O1 SO4 F . 11.09 -17.12 -2.67
O2 SO4 F . 11.26 -14.78 -3.01
O3 SO4 F . 12.80 -15.91 -1.58
O4 SO4 F . 10.57 -15.81 -0.82
S SO4 G . -8.41 -7.68 11.29
O1 SO4 G . -9.57 -7.89 10.42
O2 SO4 G . -7.46 -8.78 11.10
O3 SO4 G . -7.78 -6.42 10.97
O4 SO4 G . -8.85 -7.67 12.68
S SO4 H . 17.69 -14.17 -2.73
O1 SO4 H . 16.47 -14.63 -2.09
O2 SO4 H . 17.34 -13.49 -3.97
O3 SO4 H . 18.39 -13.24 -1.83
O4 SO4 H . 18.56 -15.31 -3.00
S SO4 I . -12.81 -9.22 -6.69
O1 SO4 I . -14.19 -8.93 -7.06
O2 SO4 I . -12.06 -9.54 -7.90
O3 SO4 I . -12.75 -10.36 -5.79
O4 SO4 I . -12.27 -8.07 -5.97
CA CA J . -2.44 16.64 7.09
#